data_1G2F
#
_entry.id   1G2F
#
_cell.length_a   104.800
_cell.length_b   104.800
_cell.length_c   104.200
_cell.angle_alpha   90.00
_cell.angle_beta   90.00
_cell.angle_gamma   120.00
#
_symmetry.space_group_name_H-M   'P 64'
#
loop_
_entity.id
_entity.type
_entity.pdbx_description
1 polymer "5'-D(*GP*AP*CP*GP*CP*TP*AP*TP*AP*AP*AP*AP*GP*GP*AP*G)-3'"
2 polymer "5'-D(*TP*CP*CP*TP*TP*TP*TP*AP*TP*AP*GP*CP*GP*TP*CP*C)-3'"
3 polymer 'TATA BOX ZINC FINGER PROTEIN'
4 non-polymer 'ZINC ION'
5 water water
#
loop_
_entity_poly.entity_id
_entity_poly.type
_entity_poly.pdbx_seq_one_letter_code
_entity_poly.pdbx_strand_id
1 'polydeoxyribonucleotide' (DG)(DA)(DC)(DG)(DC)(DT)(DA)(DT)(DA)(DA)(DA)(DA)(DG)(DG)(DA)(DG) A,D
2 'polydeoxyribonucleotide' (DT)(DC)(DC)(DT)(DT)(DT)(DT)(DA)(DT)(DA)(DG)(DC)(DG)(DT)(DC)(DC) B,E
3 'polypeptide(L)'
;MERPYACPVESCDRRFSQKTNLDTHIRIHTGQKPFQCRICMRNFSQQASLNAHIRTHTGEKPFACDICGRKFATLHTRTR
HTKIHLRQKD
;
C,F
#
# COMPACT_ATOMS: atom_id res chain seq x y z
N MET E 1 -10.36 13.32 -46.38
CA MET E 1 -9.66 13.64 -45.15
C MET E 1 -9.88 12.50 -44.15
N GLU E 2 -8.81 12.07 -43.49
CA GLU E 2 -8.87 10.98 -42.53
C GLU E 2 -9.79 11.28 -41.34
N ARG E 3 -9.50 12.38 -40.62
CA ARG E 3 -10.29 12.78 -39.46
C ARG E 3 -10.74 14.24 -39.61
N PRO E 4 -11.86 14.44 -40.32
CA PRO E 4 -12.54 15.71 -40.64
C PRO E 4 -12.98 16.59 -39.46
N TYR E 5 -13.71 16.00 -38.52
CA TYR E 5 -14.24 16.71 -37.35
C TYR E 5 -13.24 17.06 -36.27
N ALA E 6 -12.90 18.35 -36.19
CA ALA E 6 -11.94 18.84 -35.21
C ALA E 6 -12.57 19.50 -33.99
N CYS E 7 -11.88 19.43 -32.85
CA CYS E 7 -12.35 20.02 -31.61
C CYS E 7 -12.12 21.53 -31.60
N PRO E 8 -13.19 22.30 -31.35
CA PRO E 8 -13.14 23.77 -31.31
C PRO E 8 -12.28 24.44 -30.23
N VAL E 9 -11.92 23.70 -29.17
CA VAL E 9 -11.09 24.27 -28.11
C VAL E 9 -9.65 24.25 -28.63
N GLU E 10 -9.09 25.44 -28.87
CA GLU E 10 -7.73 25.55 -29.42
C GLU E 10 -6.66 24.80 -28.63
N SER E 11 -6.84 24.76 -27.30
CA SER E 11 -5.92 24.07 -26.41
C SER E 11 -5.89 22.58 -26.73
N CYS E 12 -7.07 21.97 -26.85
CA CYS E 12 -7.20 20.54 -27.18
C CYS E 12 -6.84 20.18 -28.63
N ASP E 13 -7.69 20.59 -29.57
CA ASP E 13 -7.51 20.30 -31.00
C ASP E 13 -7.30 18.80 -31.30
N ARG E 14 -8.22 17.97 -30.81
CA ARG E 14 -8.15 16.54 -31.06
C ARG E 14 -9.03 16.30 -32.29
N ARG E 15 -8.69 15.29 -33.10
CA ARG E 15 -9.48 15.02 -34.31
C ARG E 15 -10.21 13.68 -34.31
N PHE E 16 -11.35 13.66 -35.00
CA PHE E 16 -12.20 12.47 -35.09
C PHE E 16 -12.73 12.29 -36.49
N SER E 17 -12.91 11.03 -36.89
CA SER E 17 -13.44 10.71 -38.21
C SER E 17 -14.97 10.75 -38.18
N GLN E 18 -15.58 10.26 -37.09
CA GLN E 18 -17.03 10.26 -36.94
C GLN E 18 -17.45 11.49 -36.15
N LYS E 19 -18.56 12.12 -36.52
CA LYS E 19 -19.06 13.30 -35.84
C LYS E 19 -19.60 13.03 -34.42
N THR E 20 -20.18 11.85 -34.22
CA THR E 20 -20.71 11.48 -32.89
C THR E 20 -19.57 11.56 -31.90
N ASN E 21 -18.45 10.95 -32.28
CA ASN E 21 -17.25 10.92 -31.44
C ASN E 21 -16.74 12.31 -31.09
N LEU E 22 -16.95 13.29 -31.97
CA LEU E 22 -16.53 14.66 -31.67
C LEU E 22 -17.49 15.26 -30.65
N ASP E 23 -18.78 14.99 -30.83
CA ASP E 23 -19.80 15.50 -29.91
C ASP E 23 -19.60 14.93 -28.52
N THR E 24 -19.31 13.64 -28.47
CA THR E 24 -19.05 12.96 -27.21
C THR E 24 -17.82 13.58 -26.55
N HIS E 25 -16.82 13.93 -27.36
CA HIS E 25 -15.60 14.54 -26.85
C HIS E 25 -15.81 15.95 -26.33
N ILE E 26 -16.57 16.76 -27.05
CA ILE E 26 -16.83 18.14 -26.63
C ILE E 26 -17.46 18.15 -25.24
N ARG E 27 -18.15 17.06 -24.89
CA ARG E 27 -18.78 16.95 -23.58
C ARG E 27 -17.80 16.96 -22.42
N ILE E 28 -16.55 16.54 -22.65
CA ILE E 28 -15.55 16.55 -21.59
C ILE E 28 -15.12 18.00 -21.28
N HIS E 29 -15.45 18.92 -22.18
CA HIS E 29 -15.12 20.34 -22.01
C HIS E 29 -16.29 21.06 -21.34
N THR E 30 -17.50 20.72 -21.77
CA THR E 30 -18.72 21.30 -21.24
C THR E 30 -19.13 20.68 -19.91
N GLY E 31 -18.65 19.47 -19.65
CA GLY E 31 -19.00 18.79 -18.42
C GLY E 31 -20.40 18.21 -18.44
N GLN E 32 -20.96 18.06 -19.64
CA GLN E 32 -22.30 17.50 -19.80
C GLN E 32 -22.21 15.98 -19.69
N LYS E 33 -23.10 15.42 -18.87
CA LYS E 33 -23.16 13.98 -18.61
C LYS E 33 -24.61 13.55 -18.74
N PRO E 34 -25.06 13.30 -19.97
CA PRO E 34 -26.42 12.88 -20.37
C PRO E 34 -26.88 11.48 -20.02
N PHE E 35 -25.95 10.64 -19.55
CA PHE E 35 -26.29 9.27 -19.19
C PHE E 35 -26.44 9.10 -17.69
N GLN E 36 -27.64 8.73 -17.25
CA GLN E 36 -27.93 8.59 -15.83
C GLN E 36 -28.20 7.17 -15.34
N CYS E 37 -27.60 6.84 -14.20
CA CYS E 37 -27.83 5.54 -13.58
C CYS E 37 -29.16 5.65 -12.86
N ARG E 38 -30.06 4.74 -13.16
CA ARG E 38 -31.38 4.75 -12.56
C ARG E 38 -31.44 4.14 -11.17
N ILE E 39 -30.28 3.88 -10.57
CA ILE E 39 -30.23 3.31 -9.22
C ILE E 39 -29.81 4.39 -8.24
N CYS E 40 -28.63 4.96 -8.44
CA CYS E 40 -28.10 5.99 -7.55
C CYS E 40 -28.22 7.40 -8.15
N MET E 41 -28.75 7.49 -9.37
CA MET E 41 -28.95 8.77 -10.06
C MET E 41 -27.69 9.51 -10.47
N ARG E 42 -26.56 8.80 -10.51
CA ARG E 42 -25.30 9.44 -10.89
C ARG E 42 -25.28 9.60 -12.41
N ASN E 43 -24.66 10.68 -12.88
CA ASN E 43 -24.56 10.98 -14.32
C ASN E 43 -23.17 10.68 -14.85
N PHE E 44 -23.15 10.19 -16.09
CA PHE E 44 -21.91 9.82 -16.79
C PHE E 44 -21.82 10.48 -18.17
N SER E 45 -20.61 10.78 -18.58
CA SER E 45 -20.35 11.39 -19.87
C SER E 45 -20.68 10.47 -21.04
N GLN E 46 -20.54 9.16 -20.83
CA GLN E 46 -20.79 8.19 -21.89
C GLN E 46 -21.67 7.03 -21.49
N GLN E 47 -22.15 6.35 -22.52
CA GLN E 47 -22.98 5.18 -22.37
C GLN E 47 -22.10 4.04 -21.83
N ALA E 48 -20.85 4.02 -22.30
CA ALA E 48 -19.89 3.00 -21.90
C ALA E 48 -19.60 3.07 -20.41
N SER E 49 -19.34 4.29 -19.91
CA SER E 49 -19.05 4.47 -18.51
C SER E 49 -20.27 4.22 -17.62
N LEU E 50 -21.46 4.54 -18.13
CA LEU E 50 -22.68 4.29 -17.37
C LEU E 50 -22.88 2.78 -17.27
N ASN E 51 -22.69 2.09 -18.38
CA ASN E 51 -22.84 0.63 -18.42
C ASN E 51 -21.83 -0.10 -17.52
N ALA E 52 -20.59 0.39 -17.49
CA ALA E 52 -19.57 -0.21 -16.64
C ALA E 52 -19.99 0.02 -15.19
N HIS E 53 -20.55 1.19 -14.93
CA HIS E 53 -21.01 1.59 -13.61
C HIS E 53 -22.20 0.78 -13.09
N ILE E 54 -23.16 0.46 -13.95
CA ILE E 54 -24.31 -0.31 -13.54
C ILE E 54 -23.90 -1.67 -12.98
N ARG E 55 -22.76 -2.18 -13.43
CA ARG E 55 -22.27 -3.47 -12.94
C ARG E 55 -21.86 -3.42 -11.48
N THR E 56 -21.50 -2.24 -10.99
CA THR E 56 -21.11 -2.11 -9.58
C THR E 56 -22.32 -2.31 -8.66
N HIS E 57 -23.52 -2.14 -9.22
CA HIS E 57 -24.76 -2.32 -8.46
C HIS E 57 -25.20 -3.77 -8.59
N THR E 58 -25.25 -4.25 -9.83
CA THR E 58 -25.69 -5.61 -10.12
C THR E 58 -24.68 -6.69 -9.74
N GLY E 59 -23.40 -6.32 -9.75
CA GLY E 59 -22.36 -7.26 -9.41
C GLY E 59 -21.95 -8.17 -10.56
N GLU E 60 -22.46 -7.89 -11.76
CA GLU E 60 -22.14 -8.70 -12.93
C GLU E 60 -20.67 -8.54 -13.31
N LYS E 61 -20.04 -9.65 -13.71
CA LYS E 61 -18.64 -9.66 -14.12
C LYS E 61 -18.53 -10.49 -15.40
N PRO E 62 -18.86 -9.89 -16.55
CA PRO E 62 -18.83 -10.54 -17.87
C PRO E 62 -17.48 -10.77 -18.53
N PHE E 63 -16.40 -10.32 -17.90
CA PHE E 63 -15.09 -10.49 -18.48
C PHE E 63 -14.27 -11.52 -17.73
N ALA E 64 -14.02 -12.66 -18.38
CA ALA E 64 -13.26 -13.74 -17.75
C ALA E 64 -11.83 -13.85 -18.28
N CYS E 65 -10.91 -14.27 -17.42
CA CYS E 65 -9.52 -14.43 -17.83
C CYS E 65 -9.31 -15.81 -18.46
N ASP E 66 -8.60 -15.83 -19.57
CA ASP E 66 -8.34 -17.09 -20.29
C ASP E 66 -7.48 -18.06 -19.49
N ILE E 67 -6.45 -17.52 -18.82
CA ILE E 67 -5.51 -18.30 -18.04
C ILE E 67 -6.00 -18.88 -16.70
N CYS E 68 -6.60 -18.06 -15.85
CA CYS E 68 -7.08 -18.54 -14.55
C CYS E 68 -8.60 -18.60 -14.43
N GLY E 69 -9.30 -18.05 -15.41
CA GLY E 69 -10.76 -18.06 -15.39
C GLY E 69 -11.44 -17.18 -14.35
N ARG E 70 -10.70 -16.21 -13.82
CA ARG E 70 -11.24 -15.29 -12.82
C ARG E 70 -12.06 -14.21 -13.53
N LYS E 71 -13.17 -13.79 -12.92
CA LYS E 71 -14.06 -12.78 -13.50
C LYS E 71 -13.82 -11.33 -13.09
N PHE E 72 -14.14 -10.41 -14.02
CA PHE E 72 -13.98 -8.96 -13.82
C PHE E 72 -15.14 -8.18 -14.43
N ALA E 73 -15.52 -7.09 -13.78
CA ALA E 73 -16.62 -6.22 -14.22
C ALA E 73 -16.31 -5.46 -15.51
N THR E 74 -15.05 -5.07 -15.70
CA THR E 74 -14.68 -4.33 -16.90
C THR E 74 -13.58 -4.99 -17.73
N LEU E 75 -13.57 -4.63 -19.00
CA LEU E 75 -12.63 -5.14 -19.99
C LEU E 75 -11.18 -4.82 -19.65
N HIS E 76 -10.90 -3.58 -19.28
CA HIS E 76 -9.56 -3.16 -18.94
C HIS E 76 -8.99 -3.94 -17.77
N THR E 77 -9.75 -3.98 -16.69
CA THR E 77 -9.34 -4.68 -15.48
C THR E 77 -8.95 -6.12 -15.83
N ARG E 78 -9.77 -6.75 -16.67
CA ARG E 78 -9.55 -8.12 -17.10
C ARG E 78 -8.25 -8.24 -17.91
N THR E 79 -8.11 -7.37 -18.90
CA THR E 79 -6.95 -7.34 -19.78
C THR E 79 -5.63 -7.04 -19.06
N ARG E 80 -5.67 -6.06 -18.16
CA ARG E 80 -4.50 -5.67 -17.37
C ARG E 80 -4.12 -6.83 -16.45
N HIS E 81 -5.13 -7.51 -15.91
CA HIS E 81 -4.92 -8.65 -15.03
C HIS E 81 -4.14 -9.77 -15.71
N THR E 82 -4.60 -10.17 -16.89
CA THR E 82 -3.98 -11.25 -17.67
C THR E 82 -2.46 -11.17 -17.77
N LYS E 83 -1.94 -9.95 -17.67
CA LYS E 83 -0.50 -9.69 -17.78
C LYS E 83 0.34 -10.14 -16.57
N ILE E 84 -0.32 -10.50 -15.48
CA ILE E 84 0.38 -10.93 -14.29
C ILE E 84 0.86 -12.39 -14.38
N HIS E 85 0.25 -13.16 -15.29
CA HIS E 85 0.61 -14.56 -15.50
C HIS E 85 1.85 -14.70 -16.36
N LEU E 86 2.30 -13.59 -16.92
CA LEU E 86 3.45 -13.58 -17.80
C LEU E 86 4.74 -13.14 -17.12
N ARG E 87 4.64 -12.70 -15.88
CA ARG E 87 5.81 -12.21 -15.13
C ARG E 87 5.76 -12.62 -13.65
N GLN E 88 6.84 -12.32 -12.92
CA GLN E 88 6.95 -12.60 -11.48
C GLN E 88 6.65 -11.27 -10.73
N LYS E 89 7.06 -11.14 -9.49
CA LYS E 89 6.81 -9.91 -8.74
C LYS E 89 7.92 -8.86 -8.83
N GLU F 2 -7.87 -11.01 15.87
CA GLU F 2 -6.94 -9.93 15.55
C GLU F 2 -5.49 -10.42 15.47
N ARG F 3 -5.17 -11.43 16.28
CA ARG F 3 -3.83 -12.03 16.34
C ARG F 3 -3.82 -13.40 15.64
N PRO F 4 -3.65 -13.42 14.31
CA PRO F 4 -3.64 -14.67 13.54
C PRO F 4 -2.37 -15.52 13.71
N TYR F 5 -1.22 -14.92 13.41
CA TYR F 5 0.08 -15.60 13.46
C TYR F 5 0.51 -16.10 14.84
N ALA F 6 0.39 -17.41 15.06
CA ALA F 6 0.77 -17.98 16.33
C ALA F 6 2.08 -18.76 16.27
N CYS F 7 2.85 -18.65 17.34
CA CYS F 7 4.13 -19.35 17.47
C CYS F 7 3.87 -20.85 17.45
N PRO F 8 4.63 -21.60 16.63
CA PRO F 8 4.52 -23.07 16.47
C PRO F 8 4.97 -23.88 17.69
N VAL F 9 5.74 -23.27 18.58
CA VAL F 9 6.18 -23.98 19.77
C VAL F 9 4.99 -24.09 20.70
N GLU F 10 4.75 -25.31 21.17
CA GLU F 10 3.64 -25.62 22.08
C GLU F 10 3.90 -24.98 23.44
N SER F 11 5.15 -25.12 23.85
CA SER F 11 5.66 -24.61 25.11
C SER F 11 5.67 -23.08 25.18
N CYS F 12 5.35 -22.40 24.09
CA CYS F 12 5.35 -20.93 24.06
C CYS F 12 4.00 -20.24 24.07
N ASP F 13 3.33 -20.22 22.92
CA ASP F 13 2.02 -19.60 22.77
C ASP F 13 2.00 -18.07 22.74
N ARG F 14 2.88 -17.51 21.92
CA ARG F 14 2.95 -16.07 21.73
C ARG F 14 2.19 -15.88 20.43
N ARG F 15 1.52 -14.74 20.25
CA ARG F 15 0.72 -14.50 19.05
C ARG F 15 0.97 -13.10 18.49
N PHE F 16 0.88 -12.96 17.17
CA PHE F 16 1.14 -11.68 16.52
C PHE F 16 0.18 -11.30 15.38
N SER F 17 0.11 -10.00 15.10
CA SER F 17 -0.72 -9.49 14.02
C SER F 17 0.04 -9.54 12.70
N GLN F 18 1.33 -9.19 12.74
CA GLN F 18 2.16 -9.20 11.54
C GLN F 18 3.03 -10.44 11.44
N LYS F 19 3.23 -10.93 10.23
CA LYS F 19 4.04 -12.12 10.00
C LYS F 19 5.51 -11.83 10.31
N THR F 20 5.95 -10.60 10.07
CA THR F 20 7.34 -10.22 10.34
C THR F 20 7.66 -10.48 11.79
N ASN F 21 6.78 -9.98 12.65
CA ASN F 21 6.92 -10.11 14.09
C ASN F 21 6.96 -11.55 14.58
N LEU F 22 6.21 -12.44 13.93
CA LEU F 22 6.22 -13.84 14.30
C LEU F 22 7.57 -14.44 13.93
N ASP F 23 8.03 -14.16 12.71
CA ASP F 23 9.31 -14.66 12.22
C ASP F 23 10.43 -14.20 13.12
N THR F 24 10.41 -12.92 13.49
CA THR F 24 11.43 -12.37 14.38
C THR F 24 11.40 -13.12 15.71
N HIS F 25 10.19 -13.35 16.23
CA HIS F 25 10.02 -14.07 17.48
C HIS F 25 10.50 -15.51 17.45
N ILE F 26 10.25 -16.23 16.36
CA ILE F 26 10.65 -17.62 16.25
C ILE F 26 12.17 -17.78 16.33
N ARG F 27 12.91 -16.77 15.91
CA ARG F 27 14.36 -16.89 15.96
C ARG F 27 14.95 -16.86 17.37
N ILE F 28 14.10 -16.60 18.38
CA ILE F 28 14.56 -16.60 19.77
C ILE F 28 14.57 -18.06 20.27
N HIS F 29 13.89 -18.94 19.54
CA HIS F 29 13.81 -20.37 19.84
C HIS F 29 14.93 -21.07 19.09
N THR F 30 15.13 -20.66 17.83
CA THR F 30 16.17 -21.21 16.97
C THR F 30 17.51 -20.58 17.28
N GLY F 31 17.47 -19.48 18.02
CA GLY F 31 18.68 -18.77 18.40
C GLY F 31 19.45 -18.12 17.28
N GLN F 32 18.75 -17.78 16.18
CA GLN F 32 19.42 -17.12 15.05
C GLN F 32 19.55 -15.61 15.25
N LYS F 33 20.73 -15.09 14.97
CA LYS F 33 21.05 -13.68 15.10
C LYS F 33 21.60 -13.17 13.76
N PRO F 34 20.71 -12.78 12.84
CA PRO F 34 21.04 -12.30 11.50
C PRO F 34 21.74 -10.95 11.42
N PHE F 35 21.56 -10.12 12.45
CA PHE F 35 22.12 -8.77 12.45
C PHE F 35 23.48 -8.69 13.11
N GLN F 36 24.48 -8.39 12.29
CA GLN F 36 25.85 -8.34 12.76
C GLN F 36 26.51 -6.98 12.86
N CYS F 37 27.25 -6.77 13.95
CA CYS F 37 27.98 -5.53 14.14
C CYS F 37 29.25 -5.68 13.30
N ARG F 38 29.52 -4.67 12.47
CA ARG F 38 30.68 -4.69 11.61
C ARG F 38 31.91 -4.17 12.31
N ILE F 39 31.78 -3.87 13.61
CA ILE F 39 32.91 -3.38 14.39
C ILE F 39 33.51 -4.52 15.21
N CYS F 40 32.70 -5.19 16.00
CA CYS F 40 33.16 -6.28 16.84
C CYS F 40 32.70 -7.66 16.38
N MET F 41 31.97 -7.69 15.27
CA MET F 41 31.45 -8.92 14.65
C MET F 41 30.40 -9.67 15.48
N ARG F 42 29.95 -9.06 16.57
CA ARG F 42 28.93 -9.68 17.42
C ARG F 42 27.59 -9.71 16.68
N ASN F 43 26.81 -10.79 16.89
CA ASN F 43 25.51 -10.95 16.23
C ASN F 43 24.34 -10.72 17.16
N PHE F 44 23.27 -10.13 16.62
CA PHE F 44 22.04 -9.80 17.34
C PHE F 44 20.80 -10.36 16.65
N SER F 45 19.75 -10.61 17.44
CA SER F 45 18.50 -11.16 16.93
C SER F 45 17.64 -10.15 16.18
N GLN F 46 17.84 -8.87 16.48
CA GLN F 46 17.06 -7.82 15.88
C GLN F 46 17.86 -6.62 15.43
N GLN F 47 17.26 -5.87 14.50
CA GLN F 47 17.85 -4.66 13.97
C GLN F 47 17.89 -3.69 15.13
N ALA F 48 16.83 -3.70 15.94
CA ALA F 48 16.73 -2.83 17.09
C ALA F 48 17.91 -2.96 18.05
N SER F 49 18.20 -4.18 18.51
CA SER F 49 19.31 -4.40 19.43
C SER F 49 20.69 -4.13 18.81
N LEU F 50 20.82 -4.37 17.51
CA LEU F 50 22.07 -4.09 16.84
C LEU F 50 22.30 -2.58 16.83
N ASN F 51 21.24 -1.82 16.57
CA ASN F 51 21.31 -0.36 16.54
C ASN F 51 21.73 0.19 17.90
N ALA F 52 21.11 -0.33 18.96
CA ALA F 52 21.41 0.09 20.33
C ALA F 52 22.87 -0.26 20.64
N HIS F 53 23.28 -1.44 20.19
CA HIS F 53 24.63 -1.90 20.40
C HIS F 53 25.69 -1.02 19.71
N ILE F 54 25.41 -0.63 18.48
CA ILE F 54 26.36 0.18 17.76
C ILE F 54 26.67 1.49 18.47
N ARG F 55 25.72 1.97 19.27
CA ARG F 55 25.93 3.22 20.02
C ARG F 55 27.03 3.09 21.07
N THR F 56 27.26 1.88 21.57
CA THR F 56 28.32 1.63 22.56
C THR F 56 29.69 1.89 21.92
N HIS F 57 29.77 1.78 20.60
CA HIS F 57 30.98 2.02 19.84
C HIS F 57 31.15 3.49 19.49
N THR F 58 30.07 4.11 19.04
CA THR F 58 30.09 5.51 18.64
C THR F 58 29.98 6.53 19.76
N GLY F 59 29.35 6.13 20.87
CA GLY F 59 29.18 7.03 22.00
C GLY F 59 27.99 7.98 21.80
N GLU F 60 27.03 7.55 20.98
CA GLU F 60 25.85 8.36 20.71
C GLU F 60 24.82 8.18 21.81
N LYS F 61 24.28 9.30 22.28
CA LYS F 61 23.26 9.33 23.32
C LYS F 61 22.16 10.22 22.75
N PRO F 62 21.25 9.63 21.95
CA PRO F 62 20.14 10.33 21.31
C PRO F 62 18.92 10.62 22.15
N PHE F 63 18.81 10.01 23.32
CA PHE F 63 17.64 10.24 24.15
C PHE F 63 17.88 11.18 25.33
N ALA F 64 17.26 12.35 25.29
CA ALA F 64 17.43 13.34 26.35
C ALA F 64 16.34 13.35 27.42
N CYS F 65 16.74 13.74 28.62
CA CYS F 65 15.80 13.85 29.73
C CYS F 65 15.36 15.31 29.77
N ASP F 66 14.06 15.51 29.59
CA ASP F 66 13.45 16.83 29.59
C ASP F 66 13.51 17.57 30.93
N ILE F 67 13.82 16.85 32.00
CA ILE F 67 13.87 17.46 33.32
C ILE F 67 15.25 17.95 33.78
N CYS F 68 16.32 17.23 33.45
CA CYS F 68 17.66 17.65 33.87
C CYS F 68 18.66 17.84 32.71
N GLY F 69 18.24 17.49 31.50
CA GLY F 69 19.13 17.66 30.35
C GLY F 69 20.13 16.56 30.10
N ARG F 70 20.09 15.50 30.91
CA ARG F 70 21.02 14.39 30.72
C ARG F 70 20.65 13.53 29.51
N LYS F 71 21.67 12.97 28.85
CA LYS F 71 21.48 12.15 27.64
C LYS F 71 21.78 10.66 27.89
N PHE F 72 21.08 9.80 27.17
CA PHE F 72 21.22 8.35 27.30
C PHE F 72 21.20 7.70 25.92
N ALA F 73 21.88 6.56 25.79
CA ALA F 73 21.96 5.85 24.51
C ALA F 73 20.71 5.09 24.10
N THR F 74 19.87 4.68 25.04
CA THR F 74 18.65 3.95 24.71
C THR F 74 17.41 4.59 25.30
N LEU F 75 16.27 4.26 24.70
CA LEU F 75 14.98 4.79 25.10
C LEU F 75 14.65 4.40 26.51
N HIS F 76 14.72 3.10 26.79
CA HIS F 76 14.41 2.60 28.11
C HIS F 76 15.21 3.25 29.24
N THR F 77 16.52 3.37 29.06
CA THR F 77 17.37 3.97 30.08
C THR F 77 16.95 5.41 30.38
N ARG F 78 16.55 6.16 29.34
CA ARG F 78 16.10 7.55 29.52
C ARG F 78 14.77 7.61 30.25
N THR F 79 13.81 6.83 29.79
CA THR F 79 12.48 6.78 30.37
C THR F 79 12.50 6.36 31.83
N ARG F 80 13.28 5.32 32.14
CA ARG F 80 13.40 4.82 33.50
C ARG F 80 14.05 5.87 34.38
N HIS F 81 15.04 6.57 33.81
CA HIS F 81 15.75 7.61 34.54
C HIS F 81 14.88 8.80 34.97
N THR F 82 14.03 9.30 34.07
CA THR F 82 13.19 10.45 34.39
C THR F 82 12.27 10.21 35.60
N LYS F 83 12.03 8.95 35.93
CA LYS F 83 11.18 8.57 37.06
C LYS F 83 11.82 8.91 38.42
N ILE F 84 13.13 9.12 38.43
CA ILE F 84 13.83 9.44 39.68
C ILE F 84 13.58 10.88 40.15
N HIS F 85 13.08 11.72 39.24
CA HIS F 85 12.80 13.12 39.55
C HIS F 85 11.44 13.26 40.23
N LEU F 86 10.64 12.22 40.12
CA LEU F 86 9.30 12.19 40.70
C LEU F 86 9.30 11.70 42.14
N ARG F 87 10.36 11.01 42.55
CA ARG F 87 10.46 10.48 43.91
C ARG F 87 11.75 10.87 44.61
N GLN F 88 11.87 10.50 45.88
CA GLN F 88 13.05 10.78 46.71
C GLN F 88 14.14 9.71 46.69
#